data_5GNC
#
_entry.id   5GNC
#
_cell.length_a   86.320
_cell.length_b   49.720
_cell.length_c   94.450
_cell.angle_alpha   90.00
_cell.angle_beta   110.88
_cell.angle_gamma   90.00
#
_symmetry.space_group_name_H-M   'P 1 21 1'
#
_entity_poly.entity_id   1
_entity_poly.type   'polypeptide(L)'
_entity_poly.pdbx_seq_one_letter_code
;SSVPGFEKLANLLKPKPGLKKLLKWADAKKPPETVFTRLRLDKTGTQLFDNTDFPVWAAYTRSVAQTDSEASAV(MSE)L
KTLVSRYSDEVLSG(MSE)IAAAKKSSKTESIATKLETEQ(MSE)RTWLAAKKTPDD(MSE)FLVFKLNKAGDDILSSPL
LSAWTNY(MSE)KLSNKENPKAQTTLIAT(MSE)TKHYGDSGVSQILAAARKSPATQSTAKRLEAEQVQLWLKKGRTPDD
TFTLLSLDRAGDDLLASPQFNTW(MSE)KYINYYNKENPDEKTTVLAKL(MSE)THFDDEELTPILVVARKVPSTESTAA
KLQAEQFKNWLSADKSPEEAFTLLQLDKAGDDLLTNPQLTNWLKYTENFNLNKEINEQVTAIQVFRAQYVDDSRIAN
(MSE)VIAAEKVPNTQAIAKRVEDELFKGWTVVLNKPDDVFINLKLETVGENVFESPLWSFYTKFLEKYNTANPGKEQT
(MSE)ISGLARGYNDVTLTN(MSE)LLKAKEAPSTKTLATKLEDELVQYWLADKKLPDKLFGYLELKESVDGILTNPVFN
VWLKYLNAFNDKAPVKKAL(MSE)IDTLKSAFGDVAVSN(MSE)LFAAKKDPGTAKVAATLQTALLSKWVLEKKTPGQVS
AILKEGAGADVSAKLLATYSAKFKVRWG
;
_entity_poly.pdbx_strand_id   A
#
# COMPACT_ATOMS: atom_id res chain seq x y z
N LYS A 16 -5.45 -53.97 -61.18
CA LYS A 16 -6.07 -54.18 -62.47
C LYS A 16 -5.74 -55.59 -62.94
N PRO A 17 -5.54 -56.51 -62.01
CA PRO A 17 -5.19 -57.87 -62.45
C PRO A 17 -6.31 -58.50 -63.24
N GLY A 18 -7.51 -58.30 -62.74
CA GLY A 18 -8.71 -58.82 -63.34
C GLY A 18 -9.07 -60.09 -62.62
N LEU A 19 -10.30 -60.11 -62.12
CA LEU A 19 -10.95 -61.23 -61.45
C LEU A 19 -10.19 -62.54 -61.15
N LYS A 20 -10.22 -63.44 -62.12
CA LYS A 20 -9.63 -64.76 -62.05
C LYS A 20 -8.12 -64.86 -62.00
N LYS A 21 -7.41 -63.91 -62.58
CA LYS A 21 -5.96 -64.10 -62.60
C LYS A 21 -5.39 -64.42 -61.24
N LEU A 22 -5.86 -63.72 -60.23
CA LEU A 22 -5.43 -64.03 -58.88
C LEU A 22 -6.05 -65.31 -58.35
N LEU A 23 -7.21 -65.69 -58.89
CA LEU A 23 -7.88 -66.91 -58.45
C LEU A 23 -6.93 -68.02 -58.77
N LYS A 24 -6.32 -67.95 -59.94
CA LYS A 24 -5.28 -68.93 -60.23
C LYS A 24 -4.04 -68.68 -59.38
N TRP A 25 -3.74 -67.42 -59.02
CA TRP A 25 -2.65 -67.30 -58.05
C TRP A 25 -3.11 -67.60 -56.62
N ALA A 26 -4.41 -67.80 -56.39
CA ALA A 26 -4.94 -68.21 -55.09
C ALA A 26 -5.10 -69.72 -54.97
N ASP A 27 -5.35 -70.40 -56.09
CA ASP A 27 -5.32 -71.86 -56.12
C ASP A 27 -3.90 -72.40 -56.10
N ALA A 28 -2.91 -71.55 -56.41
CA ALA A 28 -1.50 -71.92 -56.29
C ALA A 28 -0.97 -71.76 -54.87
N LYS A 29 -1.68 -71.00 -54.03
CA LYS A 29 -1.24 -70.66 -52.67
C LYS A 29 0.07 -69.85 -52.74
N LYS A 30 0.09 -68.90 -53.67
CA LYS A 30 1.22 -68.01 -53.85
C LYS A 30 1.39 -67.14 -52.59
N PRO A 31 2.63 -66.87 -52.18
CA PRO A 31 2.83 -65.97 -51.04
C PRO A 31 2.20 -64.61 -51.33
N PRO A 32 1.44 -64.07 -50.37
CA PRO A 32 0.86 -62.74 -50.59
C PRO A 32 1.90 -61.64 -50.65
N GLU A 33 3.13 -61.92 -50.22
CA GLU A 33 4.23 -60.99 -50.43
C GLU A 33 4.41 -60.65 -51.92
N THR A 34 4.53 -61.69 -52.75
CA THR A 34 4.75 -61.48 -54.18
C THR A 34 3.57 -60.75 -54.82
N VAL A 35 2.35 -61.02 -54.36
CA VAL A 35 1.18 -60.30 -54.87
C VAL A 35 1.24 -58.82 -54.47
N PHE A 36 1.64 -58.54 -53.23
CA PHE A 36 1.83 -57.15 -52.81
C PHE A 36 2.84 -56.45 -53.71
N THR A 37 3.91 -57.15 -54.09
CA THR A 37 4.91 -56.50 -54.95
C THR A 37 4.38 -56.32 -56.37
N ARG A 38 3.61 -57.30 -56.88
CA ARG A 38 3.09 -57.23 -58.24
C ARG A 38 1.94 -56.24 -58.39
N LEU A 39 1.38 -55.72 -57.29
CA LEU A 39 0.32 -54.73 -57.36
C LEU A 39 0.83 -53.32 -57.09
N ARG A 40 2.12 -53.07 -57.29
CA ARG A 40 2.71 -51.73 -57.28
C ARG A 40 2.53 -51.01 -55.94
N LEU A 41 2.51 -51.76 -54.84
CA LEU A 41 2.31 -51.16 -53.52
C LEU A 41 3.61 -50.80 -52.82
N ASP A 42 4.74 -50.88 -53.53
CA ASP A 42 6.04 -50.54 -52.96
C ASP A 42 6.21 -49.03 -52.83
N LYS A 43 6.05 -48.30 -53.94
CA LYS A 43 6.22 -46.86 -53.98
C LYS A 43 4.98 -46.12 -53.52
N THR A 44 4.04 -46.81 -52.87
CA THR A 44 2.85 -46.13 -52.36
C THR A 44 3.12 -45.41 -51.04
N GLY A 45 4.16 -45.80 -50.31
CA GLY A 45 4.57 -45.03 -49.14
C GLY A 45 3.52 -45.01 -48.06
N THR A 46 3.42 -43.85 -47.39
CA THR A 46 2.49 -43.71 -46.28
C THR A 46 1.07 -43.40 -46.73
N GLN A 47 0.89 -42.88 -47.95
CA GLN A 47 -0.45 -42.71 -48.49
C GLN A 47 -0.96 -44.00 -49.13
N LEU A 48 -0.43 -45.14 -48.68
CA LEU A 48 -0.99 -46.46 -48.94
C LEU A 48 -2.18 -46.75 -48.05
N PHE A 49 -2.62 -45.80 -47.25
CA PHE A 49 -3.61 -46.19 -46.28
C PHE A 49 -4.60 -46.95 -47.10
N ASP A 50 -4.98 -46.40 -48.24
CA ASP A 50 -5.80 -47.14 -49.16
C ASP A 50 -5.58 -46.63 -50.56
N ASN A 51 -5.40 -47.55 -51.48
CA ASN A 51 -5.16 -47.15 -52.82
C ASN A 51 -5.72 -48.15 -53.78
N THR A 52 -7.06 -48.25 -53.80
CA THR A 52 -7.83 -49.17 -54.63
C THR A 52 -7.21 -50.44 -54.18
N ASP A 53 -6.61 -51.19 -55.09
CA ASP A 53 -5.72 -52.34 -54.79
C ASP A 53 -5.66 -53.11 -53.45
N PHE A 54 -5.45 -52.40 -52.35
CA PHE A 54 -5.31 -52.99 -51.05
C PHE A 54 -6.53 -53.82 -50.70
N PRO A 55 -7.72 -53.32 -50.96
CA PRO A 55 -8.83 -54.24 -50.66
C PRO A 55 -8.75 -55.56 -51.43
N VAL A 56 -8.30 -55.53 -52.68
CA VAL A 56 -8.11 -56.77 -53.44
C VAL A 56 -6.99 -57.60 -52.83
N TRP A 57 -5.88 -56.96 -52.42
CA TRP A 57 -4.78 -57.72 -51.85
C TRP A 57 -5.15 -58.34 -50.50
N ALA A 58 -5.88 -57.60 -49.67
CA ALA A 58 -6.44 -58.16 -48.45
C ALA A 58 -7.33 -59.36 -48.78
N ALA A 59 -8.32 -59.14 -49.65
CA ALA A 59 -9.14 -60.24 -50.15
C ALA A 59 -8.29 -61.44 -50.56
N TYR A 60 -7.11 -61.21 -51.13
CA TYR A 60 -6.28 -62.33 -51.56
C TYR A 60 -5.60 -63.01 -50.37
N THR A 61 -5.17 -62.22 -49.38
CA THR A 61 -4.52 -62.83 -48.21
C THR A 61 -5.53 -63.62 -47.38
N ARG A 62 -6.74 -63.07 -47.22
CA ARG A 62 -7.85 -63.85 -46.70
C ARG A 62 -8.14 -65.07 -47.55
N SER A 63 -7.95 -64.98 -48.87
CA SER A 63 -8.18 -66.13 -49.73
C SER A 63 -7.24 -67.26 -49.39
N VAL A 64 -5.93 -67.00 -49.35
CA VAL A 64 -4.99 -68.10 -49.13
C VAL A 64 -4.97 -68.56 -47.66
N ALA A 65 -5.23 -67.67 -46.71
CA ALA A 65 -5.32 -68.05 -45.30
C ALA A 65 -6.69 -68.69 -45.01
N GLN A 66 -6.78 -69.37 -43.86
CA GLN A 66 -8.02 -70.03 -43.46
C GLN A 66 -8.73 -69.36 -42.28
N THR A 67 -8.11 -68.36 -41.65
CA THR A 67 -8.74 -67.58 -40.59
C THR A 67 -8.30 -66.13 -40.71
N ASP A 68 -9.17 -65.22 -40.28
CA ASP A 68 -8.88 -63.78 -40.40
C ASP A 68 -7.61 -63.40 -39.66
N SER A 69 -7.37 -64.03 -38.50
CA SER A 69 -6.18 -63.73 -37.71
C SER A 69 -4.91 -63.97 -38.51
N GLU A 70 -4.80 -65.15 -39.15
CA GLU A 70 -3.59 -65.49 -39.88
C GLU A 70 -3.42 -64.63 -41.15
N ALA A 71 -4.54 -64.38 -41.84
CA ALA A 71 -4.50 -63.44 -42.96
C ALA A 71 -3.87 -62.13 -42.52
N SER A 72 -4.39 -61.57 -41.42
CA SER A 72 -3.83 -60.34 -40.87
C SER A 72 -2.36 -60.50 -40.52
N ALA A 73 -2.00 -61.63 -39.89
CA ALA A 73 -0.63 -61.86 -39.47
C ALA A 73 0.32 -61.82 -40.66
N VAL A 74 -0.10 -62.38 -41.80
CA VAL A 74 0.76 -62.38 -42.97
C VAL A 74 0.87 -60.98 -43.57
N LEU A 76 0.76 -58.21 -42.02
CA LEU A 76 1.65 -57.43 -41.17
C LEU A 76 3.10 -57.84 -41.36
N LYS A 77 3.38 -59.13 -41.60
CA LYS A 77 4.74 -59.56 -41.93
C LYS A 77 5.26 -58.88 -43.19
N THR A 78 4.37 -58.68 -44.19
CA THR A 78 4.73 -57.86 -45.34
C THR A 78 4.99 -56.40 -44.94
N LEU A 79 4.21 -55.88 -43.99
CA LEU A 79 4.26 -54.45 -43.77
C LEU A 79 5.40 -54.00 -42.86
N VAL A 80 5.74 -54.79 -41.83
CA VAL A 80 6.81 -54.40 -40.92
C VAL A 80 8.18 -54.49 -41.59
N SER A 81 8.23 -55.09 -42.78
CA SER A 81 9.43 -55.03 -43.60
C SER A 81 9.66 -53.62 -44.15
N ARG A 82 8.58 -52.89 -44.46
CA ARG A 82 8.65 -51.61 -45.13
C ARG A 82 8.51 -50.41 -44.19
N TYR A 83 7.79 -50.54 -43.08
CA TYR A 83 7.42 -49.41 -42.25
C TYR A 83 7.87 -49.65 -40.82
N SER A 84 8.40 -48.60 -40.19
CA SER A 84 8.73 -48.65 -38.77
C SER A 84 7.44 -48.69 -37.95
N ASP A 85 7.54 -49.27 -36.75
CA ASP A 85 6.37 -49.42 -35.91
C ASP A 85 5.63 -48.10 -35.72
N GLU A 86 6.36 -46.99 -35.58
CA GLU A 86 5.69 -45.70 -35.51
C GLU A 86 4.84 -45.46 -36.74
N VAL A 87 5.49 -45.40 -37.91
CA VAL A 87 4.83 -44.92 -39.12
C VAL A 87 3.63 -45.81 -39.47
N LEU A 88 3.76 -47.13 -39.27
CA LEU A 88 2.64 -48.04 -39.52
C LEU A 88 1.52 -47.86 -38.48
N SER A 89 1.88 -47.59 -37.23
CA SER A 89 0.85 -47.25 -36.23
C SER A 89 0.08 -45.99 -36.61
N GLY A 90 0.78 -44.97 -37.11
CA GLY A 90 0.11 -43.75 -37.56
C GLY A 90 -0.75 -43.96 -38.78
N ILE A 92 -2.30 -46.79 -39.57
CA ILE A 92 -3.51 -47.41 -39.05
C ILE A 92 -4.36 -46.39 -38.31
N ALA A 93 -3.73 -45.40 -37.69
CA ALA A 93 -4.48 -44.33 -37.03
C ALA A 93 -5.33 -43.59 -38.05
N ALA A 94 -4.68 -42.85 -38.96
CA ALA A 94 -5.44 -42.08 -39.95
C ALA A 94 -6.36 -42.97 -40.78
N ALA A 95 -5.92 -44.20 -40.98
CA ALA A 95 -6.64 -45.24 -41.72
C ALA A 95 -7.93 -45.68 -41.09
N LYS A 96 -7.89 -45.85 -39.78
CA LYS A 96 -9.02 -46.36 -39.01
C LYS A 96 -10.16 -45.40 -38.97
N LYS A 97 -9.83 -44.13 -39.14
CA LYS A 97 -10.80 -43.05 -39.09
C LYS A 97 -11.81 -43.15 -40.19
N SER A 98 -11.31 -43.40 -41.38
CA SER A 98 -12.17 -43.50 -42.51
C SER A 98 -13.03 -44.71 -42.50
N SER A 99 -14.24 -44.52 -43.00
CA SER A 99 -15.17 -45.61 -43.23
C SER A 99 -14.53 -46.35 -44.40
N LYS A 100 -14.53 -47.66 -44.31
CA LYS A 100 -13.92 -48.53 -45.32
C LYS A 100 -12.45 -48.83 -45.10
N THR A 101 -11.95 -48.27 -44.02
CA THR A 101 -10.63 -48.57 -43.54
C THR A 101 -10.81 -48.96 -42.09
N GLU A 102 -12.04 -48.95 -41.56
CA GLU A 102 -12.19 -49.28 -40.14
C GLU A 102 -11.97 -50.71 -39.59
N SER A 103 -12.59 -51.73 -40.18
CA SER A 103 -12.42 -53.11 -39.75
C SER A 103 -11.20 -53.76 -40.40
N ILE A 104 -10.57 -53.07 -41.34
CA ILE A 104 -9.24 -53.40 -41.80
C ILE A 104 -8.19 -53.12 -40.69
N ALA A 105 -7.99 -51.82 -40.38
CA ALA A 105 -6.92 -51.45 -39.46
C ALA A 105 -7.20 -51.86 -38.01
N THR A 106 -8.42 -52.30 -37.69
CA THR A 106 -8.64 -52.88 -36.37
C THR A 106 -8.07 -54.28 -36.29
N LYS A 107 -8.22 -55.05 -37.38
CA LYS A 107 -7.59 -56.35 -37.47
C LYS A 107 -6.06 -56.21 -37.50
N LEU A 108 -5.55 -55.19 -38.20
CA LEU A 108 -4.10 -55.03 -38.20
C LEU A 108 -3.58 -54.46 -36.88
N GLU A 109 -4.31 -53.54 -36.24
CA GLU A 109 -3.85 -53.04 -34.95
C GLU A 109 -3.88 -54.15 -33.91
N THR A 110 -4.96 -54.94 -33.90
CA THR A 110 -5.02 -56.18 -33.13
C THR A 110 -3.72 -56.95 -33.28
N GLU A 111 -3.44 -57.30 -34.52
CA GLU A 111 -2.32 -58.17 -34.86
C GLU A 111 -0.98 -57.58 -34.42
N GLN A 112 -0.74 -56.30 -34.75
CA GLN A 112 0.55 -55.70 -34.39
C GLN A 112 0.72 -55.60 -32.88
N ARG A 114 -0.60 -57.91 -30.60
CA ARG A 114 -0.18 -59.18 -30.03
C ARG A 114 1.22 -59.55 -30.47
N THR A 115 1.72 -58.97 -31.56
CA THR A 115 3.15 -59.09 -31.81
C THR A 115 3.96 -58.31 -30.78
N TRP A 116 3.54 -57.07 -30.50
CA TRP A 116 4.22 -56.27 -29.49
C TRP A 116 4.27 -56.98 -28.14
N LEU A 117 3.21 -57.68 -27.76
CA LEU A 117 3.23 -58.45 -26.53
C LEU A 117 4.06 -59.73 -26.65
N ALA A 118 4.01 -60.39 -27.81
CA ALA A 118 4.94 -61.48 -28.09
C ALA A 118 6.38 -61.02 -27.89
N ALA A 119 6.75 -59.92 -28.53
CA ALA A 119 8.07 -59.32 -28.37
C ALA A 119 8.30 -58.83 -26.94
N LYS A 120 7.29 -58.97 -26.08
CA LYS A 120 7.36 -58.54 -24.68
C LYS A 120 7.89 -57.11 -24.55
N LYS A 121 7.25 -56.20 -25.27
CA LYS A 121 7.56 -54.77 -25.18
C LYS A 121 6.52 -54.08 -24.32
N THR A 122 6.99 -53.35 -23.31
CA THR A 122 6.09 -52.71 -22.36
C THR A 122 5.37 -51.52 -23.00
N PRO A 123 4.26 -51.08 -22.42
CA PRO A 123 3.64 -49.84 -22.90
C PRO A 123 4.57 -48.64 -22.84
N ASP A 124 5.48 -48.61 -21.87
CA ASP A 124 6.46 -47.52 -21.82
C ASP A 124 7.41 -47.58 -23.01
N ASP A 125 7.90 -48.78 -23.34
CA ASP A 125 8.69 -48.98 -24.56
C ASP A 125 7.99 -48.36 -25.77
N PHE A 127 5.74 -46.23 -25.78
CA PHE A 127 5.58 -44.81 -25.58
C PHE A 127 6.72 -44.04 -26.22
N LEU A 128 7.95 -44.57 -26.08
CA LEU A 128 9.11 -43.95 -26.68
C LEU A 128 9.30 -44.37 -28.14
N VAL A 129 8.66 -45.46 -28.58
CA VAL A 129 8.76 -45.84 -29.98
C VAL A 129 7.91 -44.90 -30.84
N PHE A 130 6.65 -44.72 -30.46
CA PHE A 130 6.02 -43.47 -30.81
C PHE A 130 6.85 -42.36 -30.19
N LYS A 131 6.63 -41.12 -30.58
CA LYS A 131 7.54 -40.24 -29.87
C LYS A 131 6.75 -39.28 -29.00
N LEU A 132 6.01 -39.87 -28.04
CA LEU A 132 5.11 -39.11 -27.20
C LEU A 132 5.86 -38.38 -26.08
N ASN A 133 6.97 -38.96 -25.61
CA ASN A 133 7.88 -38.26 -24.71
C ASN A 133 8.54 -37.04 -25.36
N LYS A 134 8.39 -36.85 -26.67
CA LYS A 134 8.95 -35.70 -27.37
C LYS A 134 7.90 -34.66 -27.75
N ALA A 135 6.63 -35.06 -27.88
CA ALA A 135 5.57 -34.22 -28.43
C ALA A 135 5.21 -33.00 -27.59
N GLY A 136 5.81 -32.85 -26.41
CA GLY A 136 5.56 -31.69 -25.57
C GLY A 136 4.07 -31.40 -25.40
N ASP A 137 3.73 -30.11 -25.44
CA ASP A 137 2.36 -29.71 -25.13
C ASP A 137 1.35 -30.37 -26.08
N ASP A 138 1.67 -30.42 -27.37
CA ASP A 138 0.75 -30.99 -28.34
C ASP A 138 0.54 -32.53 -28.16
N ILE A 139 1.00 -33.13 -27.05
CA ILE A 139 0.88 -34.57 -26.89
C ILE A 139 -0.57 -35.02 -26.94
N LEU A 140 -1.47 -34.28 -26.28
CA LEU A 140 -2.87 -34.69 -26.24
C LEU A 140 -3.52 -34.67 -27.62
N SER A 141 -2.80 -34.21 -28.65
CA SER A 141 -3.33 -34.18 -30.01
C SER A 141 -2.67 -35.18 -30.93
N SER A 142 -1.62 -35.87 -30.49
CA SER A 142 -0.91 -36.80 -31.35
C SER A 142 -1.85 -37.93 -31.78
N PRO A 143 -1.86 -38.30 -33.07
CA PRO A 143 -2.74 -39.38 -33.53
C PRO A 143 -2.42 -40.73 -32.92
N LEU A 144 -1.24 -40.88 -32.31
CA LEU A 144 -0.84 -42.14 -31.73
C LEU A 144 -1.17 -42.27 -30.25
N LEU A 145 -1.71 -41.22 -29.63
CA LEU A 145 -2.11 -41.31 -28.22
C LEU A 145 -3.13 -42.41 -28.02
N SER A 146 -4.17 -42.43 -28.86
CA SER A 146 -5.24 -43.40 -28.69
C SER A 146 -4.75 -44.83 -28.99
N ALA A 147 -3.94 -44.97 -30.05
CA ALA A 147 -3.27 -46.24 -30.33
C ALA A 147 -2.46 -46.72 -29.13
N TRP A 148 -1.71 -45.81 -28.51
CA TRP A 148 -0.91 -46.17 -27.35
C TRP A 148 -1.80 -46.65 -26.20
N THR A 149 -2.91 -45.96 -25.93
CA THR A 149 -3.72 -46.37 -24.79
C THR A 149 -4.45 -47.67 -25.08
N ASN A 150 -4.73 -47.98 -26.36
CA ASN A 150 -5.18 -49.33 -26.69
C ASN A 150 -4.15 -50.36 -26.27
N TYR A 151 -2.89 -50.17 -26.68
CA TYR A 151 -1.89 -51.15 -26.29
C TYR A 151 -1.70 -51.19 -24.77
N LYS A 153 -4.23 -50.60 -22.45
CA LYS A 153 -5.37 -51.36 -21.95
C LYS A 153 -5.13 -52.86 -22.07
N LEU A 154 -4.71 -53.29 -23.27
CA LEU A 154 -4.48 -54.72 -23.46
C LEU A 154 -3.34 -55.22 -22.58
N SER A 155 -2.25 -54.45 -22.51
CA SER A 155 -1.13 -54.88 -21.69
C SER A 155 -1.50 -54.95 -20.21
N ASN A 156 -2.39 -54.08 -19.74
CA ASN A 156 -2.88 -54.18 -18.36
C ASN A 156 -3.75 -55.40 -18.15
N LYS A 157 -4.52 -55.82 -19.17
CA LYS A 157 -5.22 -57.10 -19.06
C LYS A 157 -4.25 -58.27 -18.93
N GLU A 158 -3.14 -58.25 -19.66
CA GLU A 158 -2.32 -59.45 -19.70
C GLU A 158 -1.16 -59.47 -18.71
N ASN A 159 -0.78 -58.32 -18.15
CA ASN A 159 0.23 -58.24 -17.10
C ASN A 159 -0.42 -57.55 -15.91
N PRO A 160 -1.34 -58.24 -15.22
CA PRO A 160 -2.03 -57.60 -14.09
C PRO A 160 -1.09 -57.22 -12.99
N LYS A 161 0.07 -57.89 -12.91
CA LYS A 161 1.09 -57.59 -11.91
C LYS A 161 1.70 -56.20 -12.12
N ALA A 162 1.87 -55.80 -13.39
CA ALA A 162 2.69 -54.62 -13.75
C ALA A 162 1.92 -53.72 -14.71
N GLN A 163 0.94 -52.99 -14.20
CA GLN A 163 0.13 -52.12 -15.05
C GLN A 163 0.72 -50.72 -15.16
N THR A 164 0.08 -49.89 -15.97
CA THR A 164 0.48 -48.50 -16.04
C THR A 164 -0.72 -47.68 -16.49
N THR A 165 -0.59 -46.36 -16.29
CA THR A 165 -1.63 -45.38 -16.57
C THR A 165 -1.02 -44.24 -17.35
N LEU A 166 -1.84 -43.55 -18.16
CA LEU A 166 -1.32 -42.46 -18.98
C LEU A 166 -0.57 -41.44 -18.12
N ILE A 167 -1.22 -40.94 -17.06
CA ILE A 167 -0.60 -39.89 -16.24
C ILE A 167 0.75 -40.34 -15.72
N ALA A 168 0.85 -41.60 -15.26
CA ALA A 168 2.10 -42.05 -14.64
C ALA A 168 3.21 -42.15 -15.68
N THR A 169 2.94 -42.86 -16.77
CA THR A 169 3.89 -42.92 -17.89
C THR A 169 4.39 -41.52 -18.26
N THR A 171 4.42 -38.85 -16.42
CA THR A 171 5.29 -38.34 -15.37
C THR A 171 6.71 -38.91 -15.48
N LYS A 172 6.83 -40.17 -15.92
CA LYS A 172 8.12 -40.85 -15.90
C LYS A 172 9.17 -40.14 -16.74
N HIS A 173 8.77 -39.60 -17.90
CA HIS A 173 9.70 -38.94 -18.82
C HIS A 173 9.76 -37.42 -18.62
N TYR A 174 8.61 -36.74 -18.63
CA TYR A 174 8.60 -35.28 -18.55
C TYR A 174 8.89 -34.78 -17.14
N GLY A 175 8.52 -35.55 -16.11
CA GLY A 175 8.56 -35.04 -14.75
C GLY A 175 7.31 -34.28 -14.37
N ASP A 176 7.09 -34.15 -13.06
CA ASP A 176 5.82 -33.63 -12.56
C ASP A 176 5.64 -32.15 -12.94
N SER A 177 6.68 -31.33 -12.75
CA SER A 177 6.63 -29.96 -13.26
C SER A 177 6.22 -29.94 -14.72
N GLY A 178 6.92 -30.71 -15.55
CA GLY A 178 6.66 -30.69 -16.98
C GLY A 178 5.27 -31.17 -17.33
N VAL A 179 4.77 -32.17 -16.61
CA VAL A 179 3.43 -32.68 -16.83
C VAL A 179 2.38 -31.61 -16.50
N SER A 180 2.58 -30.89 -15.40
CA SER A 180 1.70 -29.78 -15.08
C SER A 180 1.74 -28.72 -16.17
N GLN A 181 2.96 -28.35 -16.62
CA GLN A 181 3.09 -27.38 -17.69
C GLN A 181 2.29 -27.79 -18.91
N ILE A 182 2.40 -29.06 -19.30
CA ILE A 182 1.66 -29.57 -20.46
C ILE A 182 0.16 -29.47 -20.24
N LEU A 183 -0.31 -29.78 -19.02
CA LEU A 183 -1.75 -29.77 -18.79
C LEU A 183 -2.30 -28.35 -18.77
N ALA A 184 -1.56 -27.41 -18.15
CA ALA A 184 -1.93 -26.00 -18.23
C ALA A 184 -2.04 -25.54 -19.67
N ALA A 185 -1.04 -25.90 -20.48
CA ALA A 185 -1.07 -25.55 -21.90
C ALA A 185 -2.28 -26.16 -22.60
N ALA A 186 -2.52 -27.45 -22.39
CA ALA A 186 -3.60 -28.12 -23.09
C ALA A 186 -4.97 -27.77 -22.53
N ARG A 187 -5.03 -26.94 -21.51
CA ARG A 187 -6.33 -26.51 -21.03
C ARG A 187 -6.84 -25.29 -21.77
N LYS A 188 -5.95 -24.47 -22.31
CA LYS A 188 -6.38 -23.26 -22.99
C LYS A 188 -7.00 -23.57 -24.35
N SER A 189 -6.38 -24.48 -25.13
CA SER A 189 -7.06 -24.85 -26.37
C SER A 189 -8.21 -25.83 -26.08
N PRO A 190 -9.34 -25.68 -26.75
CA PRO A 190 -10.61 -26.27 -26.26
C PRO A 190 -10.96 -27.66 -26.78
N ALA A 191 -10.18 -28.24 -27.70
CA ALA A 191 -10.40 -29.65 -28.04
C ALA A 191 -9.81 -30.58 -26.99
N THR A 192 -8.70 -30.15 -26.38
CA THR A 192 -7.95 -30.94 -25.40
C THR A 192 -8.41 -30.70 -23.97
N GLN A 193 -9.17 -29.62 -23.74
CA GLN A 193 -9.43 -29.14 -22.39
C GLN A 193 -10.04 -30.22 -21.49
N SER A 194 -11.03 -30.96 -22.01
CA SER A 194 -11.72 -31.97 -21.22
C SER A 194 -10.75 -33.03 -20.67
N THR A 195 -9.94 -33.63 -21.55
CA THR A 195 -8.98 -34.64 -21.11
C THR A 195 -7.89 -34.00 -20.24
N ALA A 196 -7.45 -32.79 -20.59
CA ALA A 196 -6.48 -32.08 -19.76
C ALA A 196 -6.93 -31.97 -18.31
N LYS A 197 -8.19 -31.57 -18.07
CA LYS A 197 -8.69 -31.51 -16.70
C LYS A 197 -8.72 -32.89 -16.07
N ARG A 198 -9.36 -33.87 -16.74
CA ARG A 198 -9.41 -35.23 -16.19
C ARG A 198 -8.04 -35.70 -15.70
N LEU A 199 -6.99 -35.38 -16.46
CA LEU A 199 -5.66 -35.82 -16.05
C LEU A 199 -4.99 -34.90 -15.02
N GLU A 200 -5.29 -33.59 -14.96
CA GLU A 200 -4.82 -32.84 -13.78
C GLU A 200 -5.39 -33.44 -12.50
N ALA A 201 -6.63 -33.91 -12.57
CA ALA A 201 -7.17 -34.65 -11.44
C ALA A 201 -6.36 -35.91 -11.18
N GLU A 202 -6.14 -36.76 -12.21
CA GLU A 202 -5.39 -37.99 -11.97
C GLU A 202 -3.97 -37.71 -11.45
N GLN A 203 -3.39 -36.57 -11.82
CA GLN A 203 -2.13 -36.17 -11.22
C GLN A 203 -2.29 -35.98 -9.71
N VAL A 204 -3.30 -35.20 -9.30
CA VAL A 204 -3.52 -35.04 -7.85
C VAL A 204 -3.75 -36.40 -7.18
N GLN A 205 -4.63 -37.22 -7.78
CA GLN A 205 -4.94 -38.53 -7.20
C GLN A 205 -3.69 -39.37 -6.99
N LEU A 206 -2.79 -39.36 -7.98
CA LEU A 206 -1.55 -40.12 -7.90
C LEU A 206 -0.67 -39.61 -6.78
N TRP A 207 -0.52 -38.29 -6.66
CA TRP A 207 0.26 -37.73 -5.56
C TRP A 207 -0.33 -38.14 -4.21
N LEU A 208 -1.65 -37.97 -4.05
CA LEU A 208 -2.30 -38.38 -2.80
C LEU A 208 -2.00 -39.85 -2.48
N LYS A 209 -2.07 -40.72 -3.50
CA LYS A 209 -1.87 -42.16 -3.33
C LYS A 209 -0.45 -42.48 -2.88
N LYS A 210 0.53 -41.72 -3.34
CA LYS A 210 1.89 -41.90 -2.84
C LYS A 210 2.12 -41.30 -1.46
N GLY A 211 1.11 -40.69 -0.83
CA GLY A 211 1.36 -39.97 0.40
C GLY A 211 2.34 -38.82 0.28
N ARG A 212 2.42 -38.20 -0.90
CA ARG A 212 3.15 -36.94 -1.04
C ARG A 212 2.45 -35.85 -0.24
N THR A 213 3.22 -35.14 0.59
CA THR A 213 2.72 -34.00 1.35
C THR A 213 2.80 -32.69 0.57
N PRO A 214 2.42 -31.55 1.18
CA PRO A 214 2.72 -30.25 0.52
C PRO A 214 4.19 -29.92 0.47
N ASP A 215 4.93 -30.15 1.57
CA ASP A 215 6.38 -30.04 1.53
C ASP A 215 6.96 -30.75 0.31
N ASP A 216 6.51 -31.99 0.05
CA ASP A 216 7.03 -32.74 -1.10
C ASP A 216 6.69 -32.03 -2.40
N THR A 217 5.41 -31.71 -2.57
CA THR A 217 4.94 -31.20 -3.85
C THR A 217 5.57 -29.85 -4.20
N PHE A 218 5.83 -29.01 -3.19
CA PHE A 218 6.54 -27.77 -3.41
C PHE A 218 7.73 -28.03 -4.33
N THR A 219 8.70 -28.79 -3.85
CA THR A 219 9.88 -29.08 -4.66
C THR A 219 9.52 -29.88 -5.91
N LEU A 220 8.63 -30.86 -5.77
CA LEU A 220 8.22 -31.66 -6.92
C LEU A 220 7.74 -30.79 -8.07
N LEU A 221 7.08 -29.68 -7.75
CA LEU A 221 6.70 -28.69 -8.73
C LEU A 221 7.78 -27.63 -8.94
N SER A 222 8.92 -27.79 -8.27
CA SER A 222 10.08 -26.91 -8.43
C SER A 222 9.69 -25.45 -8.30
N LEU A 223 9.00 -25.14 -7.21
CA LEU A 223 8.76 -23.75 -6.84
C LEU A 223 9.94 -23.15 -6.07
N ASP A 224 10.92 -23.98 -5.67
CA ASP A 224 12.18 -23.47 -5.17
C ASP A 224 12.92 -22.66 -6.25
N ARG A 225 13.06 -23.29 -7.40
CA ARG A 225 13.56 -22.61 -8.56
C ARG A 225 12.53 -21.55 -8.81
N ALA A 226 13.04 -20.41 -9.24
CA ALA A 226 12.39 -19.12 -9.50
C ALA A 226 12.27 -18.27 -8.23
N GLY A 227 12.67 -18.81 -7.09
CA GLY A 227 12.76 -18.02 -5.89
C GLY A 227 11.59 -17.18 -5.50
N ASP A 228 11.88 -15.91 -5.40
CA ASP A 228 10.92 -14.91 -5.08
C ASP A 228 9.85 -14.73 -6.12
N ASP A 229 10.08 -15.12 -7.37
CA ASP A 229 9.07 -14.93 -8.39
C ASP A 229 7.97 -16.03 -8.36
N LEU A 230 7.76 -16.65 -7.19
CA LEU A 230 7.06 -17.93 -7.18
C LEU A 230 5.54 -17.80 -7.25
N LEU A 231 4.96 -16.73 -6.71
CA LEU A 231 3.51 -16.57 -6.84
C LEU A 231 3.08 -16.43 -8.29
N ALA A 232 3.97 -15.91 -9.14
CA ALA A 232 3.67 -15.78 -10.56
C ALA A 232 3.72 -17.13 -11.28
N SER A 233 4.51 -18.07 -10.77
CA SER A 233 4.64 -19.36 -11.43
C SER A 233 3.26 -20.04 -11.51
N PRO A 234 2.95 -20.68 -12.64
CA PRO A 234 1.59 -21.24 -12.78
C PRO A 234 1.38 -22.55 -12.06
N GLN A 235 2.46 -23.25 -11.69
CA GLN A 235 2.33 -24.41 -10.82
C GLN A 235 2.22 -24.04 -9.35
N PHE A 236 2.31 -22.74 -9.02
CA PHE A 236 2.00 -22.31 -7.68
C PHE A 236 0.51 -22.46 -7.39
N ASN A 237 -0.34 -22.13 -8.37
CA ASN A 237 -1.77 -22.42 -8.24
C ASN A 237 -2.03 -23.93 -8.19
N THR A 238 -1.25 -24.72 -8.93
CA THR A 238 -1.37 -26.18 -8.80
C THR A 238 -1.03 -26.62 -7.39
N TRP A 239 0.04 -26.07 -6.82
CA TRP A 239 0.44 -26.44 -5.47
C TRP A 239 -0.60 -26.02 -4.44
N LYS A 241 -3.99 -25.64 -4.97
CA LYS A 241 -5.11 -26.56 -5.06
C LYS A 241 -4.73 -27.89 -4.44
N TYR A 242 -3.49 -28.33 -4.60
CA TYR A 242 -3.11 -29.60 -4.00
C TYR A 242 -3.16 -29.54 -2.48
N ILE A 243 -2.68 -28.44 -1.89
CA ILE A 243 -2.83 -28.30 -0.44
C ILE A 243 -4.31 -28.39 -0.05
N ASN A 244 -5.16 -27.72 -0.80
CA ASN A 244 -6.59 -27.80 -0.54
C ASN A 244 -7.10 -29.25 -0.57
N TYR A 245 -6.74 -30.02 -1.61
CA TYR A 245 -7.18 -31.42 -1.70
C TYR A 245 -6.65 -32.28 -0.54
N TYR A 246 -5.34 -32.20 -0.29
CA TYR A 246 -4.74 -32.85 0.88
C TYR A 246 -5.45 -32.47 2.18
N ASN A 247 -5.82 -31.20 2.33
CA ASN A 247 -6.54 -30.81 3.54
C ASN A 247 -7.86 -31.58 3.63
N LYS A 248 -8.60 -31.67 2.52
CA LYS A 248 -9.89 -32.34 2.60
C LYS A 248 -9.77 -33.84 2.77
N GLU A 249 -8.65 -34.42 2.34
CA GLU A 249 -8.41 -35.85 2.56
C GLU A 249 -7.71 -36.17 3.87
N ASN A 250 -7.28 -35.17 4.66
CA ASN A 250 -6.57 -35.41 5.92
C ASN A 250 -6.99 -34.41 6.98
N PRO A 251 -8.25 -34.45 7.41
CA PRO A 251 -8.80 -33.42 8.31
C PRO A 251 -8.04 -33.20 9.62
N ASP A 252 -7.06 -34.02 9.97
CA ASP A 252 -6.45 -33.95 11.29
C ASP A 252 -5.00 -33.52 11.23
N GLU A 253 -4.47 -33.33 10.04
CA GLU A 253 -3.19 -32.66 9.81
C GLU A 253 -3.37 -31.55 8.76
N LYS A 254 -4.56 -30.95 8.74
CA LYS A 254 -4.85 -29.76 7.94
C LYS A 254 -3.81 -28.68 8.18
N THR A 255 -3.32 -28.12 7.08
CA THR A 255 -2.38 -26.99 7.13
C THR A 255 -2.85 -25.93 6.12
N THR A 256 -2.10 -24.82 6.05
CA THR A 256 -2.41 -23.71 5.18
C THR A 256 -1.27 -23.43 4.22
N VAL A 257 -1.62 -22.82 3.07
CA VAL A 257 -0.59 -22.39 2.13
C VAL A 257 0.43 -21.51 2.83
N LEU A 258 -0.05 -20.56 3.63
CA LEU A 258 0.86 -19.70 4.37
C LEU A 258 1.74 -20.52 5.30
N ALA A 259 1.12 -21.44 6.05
CA ALA A 259 1.90 -22.31 6.95
C ALA A 259 3.05 -22.97 6.20
N LYS A 260 2.75 -23.60 5.07
CA LYS A 260 3.80 -24.28 4.32
C LYS A 260 4.77 -23.29 3.68
N LEU A 261 4.34 -22.05 3.41
CA LEU A 261 5.27 -21.04 2.90
C LEU A 261 6.29 -20.63 3.95
N THR A 263 7.84 -22.13 6.03
CA THR A 263 8.96 -23.05 6.15
C THR A 263 10.08 -22.72 5.17
N HIS A 264 9.78 -22.02 4.07
CA HIS A 264 10.78 -21.63 3.07
C HIS A 264 11.17 -20.17 3.14
N PHE A 265 10.42 -19.37 3.90
CA PHE A 265 10.59 -17.92 4.01
C PHE A 265 10.12 -17.51 5.39
N ASP A 266 10.92 -16.74 6.11
CA ASP A 266 10.42 -16.08 7.31
C ASP A 266 9.69 -14.80 6.94
N ASP A 267 9.05 -14.17 7.95
CA ASP A 267 8.23 -12.98 7.70
C ASP A 267 9.00 -11.89 6.96
N GLU A 268 10.28 -11.70 7.30
CA GLU A 268 11.02 -10.55 6.77
C GLU A 268 11.20 -10.58 5.26
N GLU A 269 11.19 -11.75 4.63
CA GLU A 269 11.17 -11.79 3.18
C GLU A 269 9.82 -12.20 2.60
N LEU A 270 9.02 -12.96 3.34
CA LEU A 270 7.70 -13.31 2.82
C LEU A 270 6.83 -12.08 2.65
N THR A 271 6.85 -11.14 3.63
CA THR A 271 5.90 -10.05 3.50
C THR A 271 6.25 -9.11 2.34
N PRO A 272 7.52 -8.76 2.12
CA PRO A 272 7.81 -8.04 0.87
C PRO A 272 7.33 -8.77 -0.37
N ILE A 273 7.48 -10.10 -0.43
CA ILE A 273 7.04 -10.83 -1.61
C ILE A 273 5.55 -10.63 -1.83
N LEU A 274 4.77 -10.75 -0.76
CA LEU A 274 3.33 -10.55 -0.89
C LEU A 274 3.01 -9.11 -1.28
N VAL A 275 3.65 -8.14 -0.60
CA VAL A 275 3.39 -6.74 -0.91
C VAL A 275 3.62 -6.49 -2.39
N VAL A 276 4.74 -6.98 -2.93
CA VAL A 276 5.02 -6.74 -4.34
C VAL A 276 4.00 -7.45 -5.22
N ALA A 277 3.61 -8.68 -4.85
CA ALA A 277 2.69 -9.43 -5.68
C ALA A 277 1.31 -8.79 -5.72
N ARG A 278 0.90 -8.22 -4.58
CA ARG A 278 -0.45 -7.68 -4.46
C ARG A 278 -0.66 -6.54 -5.45
N LYS A 279 0.39 -5.75 -5.70
CA LYS A 279 0.32 -4.71 -6.71
C LYS A 279 -0.05 -5.27 -8.08
N VAL A 280 0.76 -6.22 -8.57
CA VAL A 280 0.61 -6.88 -9.87
C VAL A 280 -0.78 -7.49 -10.01
N PRO A 281 -1.59 -7.06 -10.98
CA PRO A 281 -2.98 -7.56 -11.03
C PRO A 281 -3.09 -9.06 -11.28
N SER A 282 -2.20 -9.64 -12.09
CA SER A 282 -2.34 -11.06 -12.38
C SER A 282 -2.12 -11.95 -11.15
N THR A 283 -1.41 -11.46 -10.13
CA THR A 283 -1.28 -12.22 -8.88
C THR A 283 -2.05 -11.58 -7.73
N GLU A 284 -2.88 -10.61 -7.97
CA GLU A 284 -3.51 -9.96 -6.86
C GLU A 284 -4.31 -10.82 -5.96
N SER A 285 -5.14 -11.70 -6.50
CA SER A 285 -5.95 -12.51 -5.64
C SER A 285 -5.14 -13.43 -4.78
N THR A 286 -4.11 -14.02 -5.35
CA THR A 286 -3.27 -14.92 -4.59
C THR A 286 -2.58 -14.16 -3.49
N ALA A 287 -1.97 -13.05 -3.81
CA ALA A 287 -1.34 -12.23 -2.77
C ALA A 287 -2.34 -11.83 -1.70
N ALA A 288 -3.54 -11.40 -2.12
CA ALA A 288 -4.50 -10.93 -1.12
C ALA A 288 -4.83 -12.05 -0.15
N LYS A 289 -5.11 -13.24 -0.70
CA LYS A 289 -5.44 -14.38 0.15
C LYS A 289 -4.35 -14.59 1.18
N LEU A 290 -3.09 -14.58 0.73
CA LEU A 290 -2.03 -14.84 1.69
C LEU A 290 -1.92 -13.71 2.72
N GLN A 291 -2.05 -12.45 2.28
CA GLN A 291 -1.97 -11.36 3.23
C GLN A 291 -3.04 -11.50 4.31
N ALA A 292 -4.24 -11.96 3.93
CA ALA A 292 -5.27 -12.09 4.96
C ALA A 292 -4.85 -13.08 6.02
N GLU A 293 -4.18 -14.18 5.64
CA GLU A 293 -3.77 -15.10 6.69
C GLU A 293 -2.65 -14.49 7.52
N GLN A 294 -1.69 -13.85 6.87
CA GLN A 294 -0.58 -13.25 7.60
C GLN A 294 -1.09 -12.34 8.71
N PHE A 295 -1.98 -11.42 8.37
CA PHE A 295 -2.51 -10.53 9.39
C PHE A 295 -3.08 -11.34 10.55
N LYS A 296 -3.88 -12.38 10.25
CA LYS A 296 -4.48 -13.17 11.31
C LYS A 296 -3.40 -13.78 12.20
N ASN A 297 -2.37 -14.37 11.59
CA ASN A 297 -1.29 -14.91 12.39
C ASN A 297 -0.72 -13.84 13.32
N TRP A 298 -0.38 -12.68 12.75
CA TRP A 298 0.18 -11.59 13.54
C TRP A 298 -0.77 -11.21 14.67
N LEU A 299 -2.05 -11.07 14.33
CA LEU A 299 -3.02 -10.71 15.35
C LEU A 299 -3.01 -11.73 16.48
N SER A 300 -2.94 -13.02 16.14
CA SER A 300 -2.97 -14.02 17.21
C SER A 300 -1.72 -13.91 18.08
N ALA A 301 -0.54 -13.75 17.46
CA ALA A 301 0.68 -13.66 18.26
C ALA A 301 0.87 -12.28 18.92
N ASP A 302 -0.05 -11.33 18.69
CA ASP A 302 0.14 -9.93 19.07
C ASP A 302 1.52 -9.40 18.68
N LYS A 303 1.83 -9.54 17.38
CA LYS A 303 2.95 -8.85 16.77
C LYS A 303 2.61 -7.38 16.60
N SER A 304 3.56 -6.50 16.95
CA SER A 304 3.19 -5.11 17.17
C SER A 304 3.00 -4.32 15.86
N PRO A 305 2.09 -3.34 15.88
CA PRO A 305 1.93 -2.46 14.72
C PRO A 305 3.20 -1.74 14.32
N GLU A 306 4.20 -1.65 15.20
CA GLU A 306 5.45 -1.08 14.72
C GLU A 306 6.18 -2.08 13.82
N GLU A 307 6.25 -3.33 14.28
CA GLU A 307 6.81 -4.38 13.45
C GLU A 307 6.00 -4.53 12.17
N ALA A 308 4.66 -4.40 12.28
CA ALA A 308 3.81 -4.56 11.10
C ALA A 308 4.00 -3.40 10.11
N PHE A 309 4.28 -2.21 10.62
CA PHE A 309 4.58 -1.07 9.76
C PHE A 309 5.87 -1.29 8.99
N THR A 310 6.88 -1.89 9.63
CA THR A 310 8.13 -2.08 8.88
C THR A 310 8.04 -3.27 7.92
N LEU A 311 7.47 -4.38 8.39
CA LEU A 311 7.26 -5.56 7.55
C LEU A 311 6.56 -5.19 6.26
N LEU A 312 5.58 -4.28 6.33
CA LEU A 312 4.88 -3.89 5.12
C LEU A 312 5.61 -2.84 4.29
N GLN A 313 6.83 -2.44 4.70
CA GLN A 313 7.65 -1.46 3.99
C GLN A 313 7.12 -0.02 4.14
N LEU A 314 6.18 0.22 5.03
CA LEU A 314 5.63 1.57 5.11
C LEU A 314 6.71 2.59 5.48
N ASP A 315 7.73 2.14 6.22
CA ASP A 315 8.84 2.97 6.67
C ASP A 315 9.73 3.41 5.54
N LYS A 316 9.44 2.98 4.30
CA LYS A 316 10.17 3.41 3.12
C LYS A 316 9.32 4.27 2.21
N ALA A 317 8.09 4.61 2.62
CA ALA A 317 7.22 5.37 1.74
C ALA A 317 7.60 6.84 1.66
N GLY A 318 8.42 7.33 2.59
CA GLY A 318 8.78 8.74 2.61
C GLY A 318 7.55 9.63 2.62
N ASP A 319 7.38 10.48 1.59
CA ASP A 319 6.28 11.44 1.54
C ASP A 319 5.10 10.96 0.71
N ASP A 320 5.20 9.80 0.06
CA ASP A 320 4.06 9.20 -0.62
C ASP A 320 3.38 8.15 0.24
N LEU A 321 3.55 8.24 1.56
CA LEU A 321 2.96 7.32 2.52
C LEU A 321 1.49 7.07 2.24
N LEU A 322 0.71 8.12 2.07
CA LEU A 322 -0.73 7.94 1.92
C LEU A 322 -1.12 7.39 0.54
N THR A 323 -0.20 7.26 -0.41
CA THR A 323 -0.54 6.52 -1.63
C THR A 323 0.10 5.15 -1.65
N ASN A 324 0.47 4.62 -0.50
CA ASN A 324 1.06 3.29 -0.45
C ASN A 324 -0.06 2.26 -0.21
N PRO A 325 -0.25 1.32 -1.17
CA PRO A 325 -1.41 0.40 -1.04
C PRO A 325 -1.46 -0.44 0.25
N GLN A 326 -0.39 -0.52 1.03
CA GLN A 326 -0.49 -1.23 2.30
C GLN A 326 -0.92 -0.36 3.48
N LEU A 327 -1.07 0.97 3.29
CA LEU A 327 -1.43 1.83 4.41
C LEU A 327 -2.79 1.46 4.99
N THR A 328 -3.81 1.32 4.14
CA THR A 328 -5.13 0.97 4.66
C THR A 328 -5.07 -0.35 5.40
N ASN A 329 -4.38 -1.35 4.82
CA ASN A 329 -4.16 -2.59 5.55
C ASN A 329 -3.60 -2.29 6.93
N TRP A 330 -2.42 -1.69 6.98
CA TRP A 330 -1.75 -1.49 8.26
C TRP A 330 -2.64 -0.74 9.25
N LEU A 331 -3.37 0.27 8.79
CA LEU A 331 -4.32 0.94 9.65
C LEU A 331 -5.33 -0.04 10.23
N LYS A 332 -5.99 -0.84 9.38
CA LYS A 332 -6.98 -1.77 9.93
C LYS A 332 -6.34 -2.86 10.82
N TYR A 333 -5.15 -3.32 10.47
CA TYR A 333 -4.45 -4.22 11.37
C TYR A 333 -4.29 -3.59 12.73
N THR A 334 -3.80 -2.35 12.75
CA THR A 334 -3.57 -1.63 14.00
C THR A 334 -4.85 -1.48 14.80
N GLU A 335 -5.98 -1.22 14.13
CA GLU A 335 -7.18 -1.03 14.92
C GLU A 335 -7.75 -2.34 15.42
N ASN A 336 -7.50 -3.44 14.72
CA ASN A 336 -7.94 -4.76 15.14
C ASN A 336 -7.19 -5.17 16.38
N PHE A 337 -5.91 -4.94 16.35
CA PHE A 337 -5.03 -5.17 17.48
C PHE A 337 -5.12 -3.79 18.04
N ASN A 338 -5.60 -3.68 19.29
CA ASN A 338 -5.91 -2.52 20.18
C ASN A 338 -7.35 -2.46 20.44
N LEU A 339 -8.14 -3.26 19.78
CA LEU A 339 -9.55 -3.26 20.09
C LEU A 339 -9.63 -4.41 21.01
N ASN A 340 -10.15 -4.11 22.20
CA ASN A 340 -10.36 -5.05 23.32
C ASN A 340 -9.12 -5.37 24.14
N LYS A 341 -8.03 -4.92 23.55
CA LYS A 341 -6.78 -4.86 24.25
C LYS A 341 -6.79 -3.49 24.97
N GLU A 342 -7.94 -2.78 24.92
CA GLU A 342 -8.16 -1.49 25.44
C GLU A 342 -7.86 -1.68 26.85
N ILE A 343 -6.83 -0.91 27.17
CA ILE A 343 -6.26 -0.47 28.42
C ILE A 343 -4.87 -0.32 27.86
N ASN A 344 -4.50 0.93 27.76
CA ASN A 344 -3.24 1.33 27.20
C ASN A 344 -2.01 0.48 27.29
N GLU A 345 -2.16 -0.74 26.81
CA GLU A 345 -1.07 -1.60 26.55
C GLU A 345 -1.24 -1.63 25.03
N GLN A 346 -2.13 -0.77 24.54
CA GLN A 346 -2.31 -0.57 23.10
C GLN A 346 -1.00 -0.14 22.45
N VAL A 347 -1.01 -0.12 21.11
CA VAL A 347 0.05 0.50 20.32
C VAL A 347 -0.65 1.16 19.14
N THR A 348 -0.79 2.48 19.18
CA THR A 348 -1.68 3.21 18.30
C THR A 348 -0.93 3.80 17.12
N ALA A 349 -1.70 4.22 16.11
CA ALA A 349 -1.08 4.62 14.85
C ALA A 349 -0.17 5.83 15.02
N ILE A 350 -0.53 6.74 15.92
CA ILE A 350 0.31 7.93 16.09
C ILE A 350 1.64 7.55 16.76
N GLN A 351 1.62 6.58 17.68
CA GLN A 351 2.90 6.13 18.25
C GLN A 351 3.81 5.57 17.18
N VAL A 352 3.26 4.80 16.23
CA VAL A 352 4.07 4.31 15.12
C VAL A 352 4.60 5.47 14.29
N PHE A 353 3.73 6.43 13.96
CA PHE A 353 4.23 7.64 13.30
C PHE A 353 5.39 8.29 14.06
N ARG A 354 5.29 8.36 15.39
CA ARG A 354 6.29 9.08 16.17
C ARG A 354 7.63 8.34 16.21
N ALA A 355 7.60 7.00 16.21
CA ALA A 355 8.86 6.23 16.07
C ALA A 355 9.61 6.56 14.77
N GLN A 356 8.93 7.15 13.78
CA GLN A 356 9.49 7.46 12.47
C GLN A 356 9.72 8.94 12.22
N TYR A 357 8.83 9.82 12.66
CA TYR A 357 8.98 11.26 12.50
C TYR A 357 9.03 11.93 13.87
N VAL A 358 9.81 13.00 13.99
CA VAL A 358 10.03 13.58 15.32
C VAL A 358 8.97 14.63 15.63
N ASP A 359 8.06 14.88 14.71
CA ASP A 359 6.87 15.66 15.02
C ASP A 359 5.85 15.42 13.91
N ASP A 360 4.58 15.68 14.24
CA ASP A 360 3.48 15.28 13.37
C ASP A 360 3.39 16.06 12.07
N SER A 361 4.17 17.14 11.90
CA SER A 361 3.94 18.06 10.78
C SER A 361 4.09 17.34 9.45
N ARG A 362 5.07 16.45 9.36
CA ARG A 362 5.31 15.69 8.15
C ARG A 362 4.09 14.85 7.77
N ILE A 363 3.44 14.23 8.75
CA ILE A 363 2.19 13.54 8.46
C ILE A 363 1.12 14.54 8.09
N ALA A 364 1.02 15.62 8.86
CA ALA A 364 -0.01 16.61 8.61
C ALA A 364 0.12 17.18 7.20
N ASN A 365 1.34 17.55 6.82
CA ASN A 365 1.55 18.01 5.46
C ASN A 365 1.05 16.97 4.45
N VAL A 367 -1.25 14.76 4.82
CA VAL A 367 -2.71 14.88 4.80
C VAL A 367 -3.12 16.02 3.91
N ILE A 368 -2.52 17.21 4.13
CA ILE A 368 -2.86 18.37 3.32
C ILE A 368 -2.75 18.03 1.85
N ALA A 369 -1.58 17.52 1.44
CA ALA A 369 -1.42 17.23 0.02
C ALA A 369 -2.49 16.24 -0.43
N ALA A 370 -2.71 15.20 0.37
CA ALA A 370 -3.65 14.16 -0.01
C ALA A 370 -5.07 14.68 -0.10
N GLU A 371 -5.44 15.73 0.67
CA GLU A 371 -6.85 16.05 0.51
C GLU A 371 -7.11 16.91 -0.72
N LYS A 372 -6.05 17.37 -1.39
CA LYS A 372 -6.26 18.05 -2.66
C LYS A 372 -6.73 17.08 -3.76
N VAL A 373 -6.14 15.89 -3.82
CA VAL A 373 -6.43 14.93 -4.89
C VAL A 373 -7.66 14.09 -4.53
N PRO A 374 -8.65 13.97 -5.40
CA PRO A 374 -9.94 13.38 -4.96
C PRO A 374 -9.87 11.89 -4.62
N ASN A 375 -8.99 11.11 -5.26
CA ASN A 375 -8.97 9.69 -4.93
C ASN A 375 -8.17 9.37 -3.66
N THR A 376 -7.52 10.35 -3.06
CA THR A 376 -6.85 10.10 -1.78
C THR A 376 -7.46 10.90 -0.64
N GLN A 377 -8.70 11.40 -0.82
CA GLN A 377 -9.38 12.14 0.25
C GLN A 377 -9.94 11.24 1.33
N ALA A 378 -10.15 9.96 1.03
CA ALA A 378 -10.62 9.05 2.06
C ALA A 378 -9.48 8.73 3.03
N ILE A 379 -8.38 8.19 2.49
CA ILE A 379 -7.22 7.83 3.30
C ILE A 379 -6.70 9.05 4.06
N ALA A 380 -6.68 10.21 3.41
CA ALA A 380 -6.28 11.44 4.08
C ALA A 380 -7.14 11.66 5.33
N LYS A 381 -8.47 11.65 5.16
CA LYS A 381 -9.33 11.87 6.31
C LYS A 381 -9.10 10.78 7.34
N ARG A 382 -8.79 9.59 6.91
CA ARG A 382 -8.51 8.53 7.84
C ARG A 382 -7.27 8.78 8.65
N VAL A 383 -6.22 9.24 8.03
CA VAL A 383 -4.98 9.51 8.75
C VAL A 383 -5.19 10.70 9.70
N GLU A 384 -5.80 11.76 9.18
CA GLU A 384 -6.06 12.94 9.99
C GLU A 384 -6.78 12.57 11.28
N ASP A 385 -7.73 11.63 11.20
CA ASP A 385 -8.48 11.24 12.39
C ASP A 385 -7.58 10.55 13.39
N GLU A 386 -6.68 9.70 12.90
CA GLU A 386 -5.74 9.10 13.84
C GLU A 386 -4.94 10.18 14.53
N LEU A 387 -4.58 11.23 13.80
CA LEU A 387 -3.84 12.32 14.42
C LEU A 387 -4.67 12.91 15.54
N PHE A 388 -5.95 13.17 15.26
CA PHE A 388 -6.78 13.82 16.26
C PHE A 388 -7.06 12.89 17.43
N LYS A 389 -7.32 11.61 17.14
CA LYS A 389 -7.46 10.61 18.18
C LYS A 389 -6.26 10.63 19.12
N GLY A 390 -5.07 10.39 18.58
CA GLY A 390 -3.84 10.39 19.37
C GLY A 390 -3.62 11.67 20.15
N TRP A 391 -3.96 12.83 19.55
CA TRP A 391 -3.80 14.08 20.30
C TRP A 391 -4.74 14.13 21.48
N THR A 392 -5.99 13.72 21.26
CA THR A 392 -7.03 13.79 22.29
C THR A 392 -6.71 12.86 23.45
N VAL A 393 -6.20 11.67 23.14
CA VAL A 393 -6.06 10.62 24.16
C VAL A 393 -4.93 10.95 25.12
N VAL A 394 -3.82 11.50 24.63
CA VAL A 394 -2.70 11.82 25.51
C VAL A 394 -2.97 13.19 26.15
N LEU A 395 -4.17 13.74 25.87
CA LEU A 395 -4.68 14.93 26.56
C LEU A 395 -3.98 16.20 26.12
N ASN A 396 -3.72 16.34 24.82
CA ASN A 396 -3.15 17.57 24.30
C ASN A 396 -4.21 18.66 24.29
N LYS A 397 -3.91 19.77 24.96
CA LYS A 397 -4.61 21.03 24.71
C LYS A 397 -4.13 21.57 23.36
N PRO A 398 -4.88 22.50 22.76
CA PRO A 398 -4.51 22.94 21.39
C PRO A 398 -3.12 23.58 21.29
N ASP A 399 -2.62 24.25 22.34
CA ASP A 399 -1.25 24.78 22.24
C ASP A 399 -0.21 23.66 22.15
N ASP A 400 -0.44 22.53 22.83
CA ASP A 400 0.39 21.35 22.58
C ASP A 400 0.36 20.97 21.09
N VAL A 401 -0.83 20.94 20.48
CA VAL A 401 -0.91 20.58 19.06
C VAL A 401 -0.16 21.58 18.21
N PHE A 402 -0.30 22.87 18.52
CA PHE A 402 0.49 23.92 17.88
C PHE A 402 1.96 23.55 17.85
N ILE A 403 2.51 23.15 19.00
CA ILE A 403 3.91 22.74 19.02
C ILE A 403 4.11 21.49 18.18
N ASN A 404 3.36 20.43 18.47
CA ASN A 404 3.36 19.23 17.65
C ASN A 404 3.38 19.57 16.17
N LEU A 405 2.59 20.58 15.78
CA LEU A 405 2.47 20.93 14.37
C LEU A 405 3.60 21.80 13.89
N LYS A 406 4.54 22.12 14.80
CA LYS A 406 5.74 22.88 14.52
C LYS A 406 5.43 24.31 14.07
N LEU A 407 4.29 24.84 14.52
CA LEU A 407 3.93 26.17 14.05
C LEU A 407 4.74 27.28 14.72
N GLU A 408 5.47 26.99 15.79
CA GLU A 408 6.40 27.97 16.35
C GLU A 408 7.67 28.15 15.51
N THR A 409 7.84 27.43 14.41
CA THR A 409 9.02 27.60 13.57
C THR A 409 8.69 28.19 12.19
N VAL A 410 7.48 28.66 11.98
CA VAL A 410 7.15 29.25 10.69
C VAL A 410 7.38 30.76 10.65
N GLY A 411 7.40 31.44 11.80
CA GLY A 411 7.64 32.88 11.87
C GLY A 411 6.51 33.71 11.27
N GLU A 412 6.87 34.88 10.72
CA GLU A 412 5.98 35.76 9.95
C GLU A 412 4.88 35.04 9.18
N ASN A 413 5.14 33.81 8.74
CA ASN A 413 4.32 33.09 7.77
C ASN A 413 3.20 32.25 8.42
N VAL A 414 3.16 32.17 9.75
CA VAL A 414 2.31 31.19 10.43
C VAL A 414 0.88 31.22 9.91
N PHE A 415 0.28 32.41 9.82
CA PHE A 415 -1.16 32.50 9.58
C PHE A 415 -1.58 31.97 8.22
N GLU A 416 -0.62 31.65 7.35
CA GLU A 416 -1.01 31.08 6.07
C GLU A 416 -0.10 29.92 5.68
N SER A 417 0.63 29.38 6.65
CA SER A 417 1.11 28.01 6.57
C SER A 417 -0.09 27.08 6.55
N PRO A 418 -0.10 26.06 5.69
CA PRO A 418 -1.29 25.19 5.59
C PRO A 418 -1.61 24.45 6.88
N LEU A 419 -0.64 24.29 7.78
CA LEU A 419 -0.93 23.60 9.02
C LEU A 419 -1.83 24.41 9.94
N TRP A 420 -1.98 25.73 9.68
CA TRP A 420 -2.80 26.58 10.53
C TRP A 420 -4.20 26.03 10.66
N SER A 421 -4.80 25.66 9.52
CA SER A 421 -6.14 25.07 9.51
C SER A 421 -6.20 23.84 10.42
N PHE A 422 -5.22 22.94 10.29
CA PHE A 422 -5.17 21.78 11.17
C PHE A 422 -5.34 22.22 12.62
N TYR A 423 -4.48 23.15 13.06
CA TYR A 423 -4.54 23.61 14.44
C TYR A 423 -5.92 24.17 14.76
N THR A 424 -6.44 25.03 13.88
CA THR A 424 -7.73 25.64 14.18
C THR A 424 -8.83 24.60 14.24
N LYS A 425 -8.79 23.62 13.34
CA LYS A 425 -9.80 22.56 13.39
C LYS A 425 -9.75 21.85 14.73
N PHE A 426 -8.55 21.46 15.17
CA PHE A 426 -8.45 20.84 16.47
C PHE A 426 -9.06 21.73 17.53
N LEU A 427 -8.71 23.03 17.50
CA LEU A 427 -9.22 23.94 18.52
C LEU A 427 -10.74 23.97 18.51
N GLU A 428 -11.36 23.93 17.33
CA GLU A 428 -12.80 23.74 17.28
C GLU A 428 -13.16 22.40 17.91
N LYS A 429 -12.70 21.30 17.29
CA LYS A 429 -13.09 19.95 17.72
C LYS A 429 -12.81 19.71 19.19
N TYR A 430 -11.91 20.49 19.79
CA TYR A 430 -11.59 20.37 21.20
C TYR A 430 -12.61 21.10 22.05
N ASN A 431 -12.88 22.37 21.74
CA ASN A 431 -13.77 23.16 22.59
C ASN A 431 -15.21 22.67 22.45
N THR A 432 -15.55 22.22 21.26
CA THR A 432 -16.88 21.69 21.07
C THR A 432 -17.04 20.51 22.01
N ALA A 433 -15.94 19.93 22.45
CA ALA A 433 -15.97 18.84 23.39
C ALA A 433 -15.42 19.18 24.77
N ASN A 434 -15.25 20.46 25.10
CA ASN A 434 -14.67 20.80 26.39
C ASN A 434 -15.12 22.17 26.91
N PRO A 435 -16.28 22.26 27.57
CA PRO A 435 -16.80 23.56 28.02
C PRO A 435 -16.12 24.48 29.06
N GLY A 436 -15.66 23.98 30.19
CA GLY A 436 -15.18 24.92 31.19
C GLY A 436 -13.99 25.84 31.07
N LYS A 437 -12.92 25.30 30.53
CA LYS A 437 -11.61 25.92 30.38
C LYS A 437 -11.28 26.14 28.91
N GLU A 438 -12.30 26.40 28.12
CA GLU A 438 -12.12 26.52 26.68
C GLU A 438 -11.02 27.54 26.39
N GLN A 439 -10.25 27.29 25.32
CA GLN A 439 -9.12 28.14 24.98
C GLN A 439 -9.32 28.83 23.65
N THR A 440 -8.63 29.96 23.46
CA THR A 440 -8.77 30.74 22.24
C THR A 440 -7.55 30.54 21.34
N ILE A 442 -5.18 32.33 20.17
CA ILE A 442 -3.88 32.91 20.50
C ILE A 442 -3.05 32.03 21.43
N SER A 443 -3.68 31.07 22.14
CA SER A 443 -2.95 30.25 23.11
C SER A 443 -1.78 29.51 22.46
N GLY A 444 -2.01 28.88 21.31
CA GLY A 444 -0.90 28.32 20.55
C GLY A 444 0.20 29.32 20.25
N LEU A 445 -0.16 30.48 19.66
CA LEU A 445 0.83 31.49 19.29
C LEU A 445 1.60 31.98 20.51
N ALA A 446 0.89 32.22 21.63
CA ALA A 446 1.59 32.62 22.85
C ALA A 446 2.55 31.53 23.29
N ARG A 447 2.13 30.30 23.17
CA ARG A 447 2.98 29.20 23.54
C ARG A 447 4.24 29.14 22.72
N GLY A 448 4.16 29.44 21.44
CA GLY A 448 5.35 29.42 20.64
C GLY A 448 6.13 30.71 20.47
N TYR A 449 5.53 31.85 20.71
CA TYR A 449 6.19 33.12 20.49
C TYR A 449 6.31 34.01 21.71
N ASN A 450 7.31 34.86 21.69
CA ASN A 450 7.72 35.67 22.82
C ASN A 450 6.86 36.63 23.57
N ASP A 451 6.21 37.51 22.84
CA ASP A 451 5.34 38.54 23.34
C ASP A 451 5.74 39.71 22.49
N VAL A 452 7.03 39.98 22.42
CA VAL A 452 7.49 41.00 21.54
C VAL A 452 7.37 40.42 20.15
N THR A 453 7.78 39.18 20.01
CA THR A 453 7.73 38.49 18.75
C THR A 453 6.34 38.28 18.29
N LEU A 454 5.45 37.89 19.17
CA LEU A 454 4.08 37.75 18.80
C LEU A 454 3.38 39.03 18.40
N THR A 455 3.65 40.12 19.06
CA THR A 455 3.05 41.41 18.73
C THR A 455 3.44 41.97 17.38
N ASN A 456 4.72 41.90 17.05
CA ASN A 456 5.23 42.35 15.80
C ASN A 456 4.68 41.52 14.68
N LEU A 458 1.81 40.02 14.63
CA LEU A 458 0.45 40.44 14.43
C LEU A 458 0.36 41.79 13.79
N LEU A 459 1.24 42.68 14.17
CA LEU A 459 1.22 44.00 13.59
C LEU A 459 1.52 43.90 12.13
N LYS A 460 2.45 43.06 11.78
CA LYS A 460 2.82 42.86 10.38
C LYS A 460 1.71 42.13 9.60
N ALA A 461 1.00 41.20 10.24
CA ALA A 461 -0.17 40.60 9.59
C ALA A 461 -1.31 41.59 9.40
N LYS A 462 -1.29 42.74 10.11
CA LYS A 462 -2.35 43.72 9.91
C LYS A 462 -2.18 44.53 8.63
N GLU A 463 -0.94 44.71 8.17
CA GLU A 463 -0.72 45.33 6.87
C GLU A 463 -1.36 44.52 5.74
N ALA A 464 -1.12 43.20 5.69
CA ALA A 464 -1.59 42.37 4.56
C ALA A 464 -3.11 42.25 4.59
N PRO A 465 -3.82 42.69 3.56
CA PRO A 465 -5.29 42.59 3.60
C PRO A 465 -5.79 41.16 3.75
N SER A 466 -5.08 40.16 3.20
CA SER A 466 -5.57 38.78 3.30
C SER A 466 -5.56 38.28 4.75
N THR A 467 -4.67 38.80 5.58
CA THR A 467 -4.54 38.36 6.97
C THR A 467 -5.06 39.38 7.98
N LYS A 468 -5.58 40.52 7.51
CA LYS A 468 -5.92 41.61 8.42
C LYS A 468 -7.00 41.22 9.43
N THR A 469 -8.15 40.73 8.96
CA THR A 469 -9.26 40.47 9.87
C THR A 469 -8.80 39.58 11.01
N LEU A 470 -8.19 38.46 10.62
CA LEU A 470 -7.72 37.49 11.59
C LEU A 470 -6.65 38.09 12.49
N ALA A 471 -5.72 38.86 11.91
CA ALA A 471 -4.70 39.52 12.73
C ALA A 471 -5.36 40.38 13.82
N THR A 472 -6.47 41.03 13.50
CA THR A 472 -7.10 41.98 14.40
C THR A 472 -7.85 41.25 15.51
N LYS A 473 -8.55 40.17 15.13
CA LYS A 473 -9.11 39.24 16.10
C LYS A 473 -8.04 38.70 17.07
N LEU A 474 -6.87 38.33 16.53
CA LEU A 474 -5.82 37.79 17.38
C LEU A 474 -5.25 38.86 18.30
N GLU A 475 -5.08 40.09 17.80
CA GLU A 475 -4.64 41.19 18.66
C GLU A 475 -5.52 41.27 19.89
N ASP A 476 -6.84 41.31 19.67
CA ASP A 476 -7.74 41.43 20.81
C ASP A 476 -7.65 40.21 21.73
N GLU A 477 -7.68 38.99 21.16
CA GLU A 477 -7.55 37.82 22.02
C GLU A 477 -6.26 37.81 22.81
N LEU A 478 -5.15 38.24 22.19
CA LEU A 478 -3.90 38.39 22.92
C LEU A 478 -4.10 39.30 24.12
N VAL A 479 -4.79 40.43 23.96
CA VAL A 479 -5.07 41.28 25.12
C VAL A 479 -5.74 40.46 26.22
N GLN A 480 -6.77 39.70 25.86
CA GLN A 480 -7.44 38.89 26.87
C GLN A 480 -6.52 37.84 27.48
N TYR A 481 -5.58 37.31 26.70
CA TYR A 481 -4.69 36.29 27.22
C TYR A 481 -3.69 36.89 28.19
N TRP A 482 -3.30 38.16 27.99
CA TRP A 482 -2.44 38.82 28.94
C TRP A 482 -3.19 39.17 30.21
N LEU A 483 -4.49 39.48 30.09
CA LEU A 483 -5.32 39.69 31.28
C LEU A 483 -5.45 38.42 32.09
N ALA A 484 -5.86 37.31 31.45
CA ALA A 484 -6.01 36.05 32.16
C ALA A 484 -4.73 35.65 32.89
N ASP A 485 -3.57 35.90 32.29
CA ASP A 485 -2.27 35.62 32.89
C ASP A 485 -1.93 36.60 34.01
N LYS A 486 -2.76 37.63 34.23
CA LYS A 486 -2.58 38.61 35.31
C LYS A 486 -1.25 39.36 35.20
N LYS A 487 -0.95 39.85 33.98
CA LYS A 487 0.35 40.43 33.69
C LYS A 487 0.40 41.88 34.11
N LEU A 488 1.30 42.19 35.05
CA LEU A 488 1.53 43.57 35.45
C LEU A 488 1.92 44.36 34.20
N PRO A 489 1.14 45.39 33.82
CA PRO A 489 1.50 46.17 32.62
C PRO A 489 2.96 46.58 32.57
N ASP A 490 3.52 47.05 33.69
CA ASP A 490 4.91 47.49 33.71
C ASP A 490 5.86 46.42 33.17
N LYS A 491 5.65 45.16 33.57
CA LYS A 491 6.52 44.09 33.13
C LYS A 491 6.29 43.77 31.65
N LEU A 492 5.04 43.86 31.18
CA LEU A 492 4.78 43.71 29.76
C LEU A 492 5.52 44.78 28.98
N PHE A 493 5.46 46.02 29.47
CA PHE A 493 6.21 47.14 28.90
C PHE A 493 7.68 46.77 28.76
N GLY A 494 8.23 46.10 29.78
CA GLY A 494 9.58 45.57 29.63
C GLY A 494 9.69 44.55 28.52
N TYR A 495 8.77 43.57 28.52
CA TYR A 495 8.89 42.46 27.59
C TYR A 495 8.81 42.93 26.14
N LEU A 496 8.01 43.96 25.87
CA LEU A 496 7.86 44.52 24.54
C LEU A 496 9.02 45.43 24.12
N GLU A 497 10.10 45.48 24.92
CA GLU A 497 11.31 46.25 24.63
C GLU A 497 11.01 47.75 24.48
N LEU A 498 9.95 48.22 25.11
CA LEU A 498 9.60 49.63 25.11
C LEU A 498 10.50 50.49 26.00
N LYS A 499 11.32 49.89 26.88
CA LYS A 499 12.21 50.70 27.72
C LYS A 499 13.40 51.27 26.95
N GLU A 500 13.73 50.74 25.78
CA GLU A 500 15.06 51.04 25.25
C GLU A 500 15.19 52.49 24.79
N SER A 501 14.12 53.13 24.34
CA SER A 501 14.23 54.55 24.03
C SER A 501 12.92 55.26 24.26
N VAL A 502 13.01 56.48 24.79
CA VAL A 502 11.82 57.32 24.93
C VAL A 502 11.50 58.02 23.62
N ASP A 503 12.46 58.11 22.70
CA ASP A 503 12.30 58.97 21.55
C ASP A 503 11.31 58.36 20.57
N GLY A 504 10.29 59.15 20.20
CA GLY A 504 9.23 58.72 19.29
C GLY A 504 8.29 57.64 19.80
N ILE A 505 8.14 57.49 21.12
CA ILE A 505 7.47 56.31 21.64
C ILE A 505 5.96 56.30 21.34
N LEU A 506 5.34 57.46 21.19
CA LEU A 506 3.90 57.42 20.93
C LEU A 506 3.56 57.11 19.49
N THR A 507 4.56 57.03 18.63
CA THR A 507 4.38 56.58 17.26
C THR A 507 4.69 55.09 17.10
N ASN A 508 5.32 54.50 18.10
CA ASN A 508 5.59 53.07 18.12
C ASN A 508 4.29 52.26 18.18
N PRO A 509 4.01 51.42 17.18
CA PRO A 509 2.75 50.64 17.22
C PRO A 509 2.71 49.62 18.33
N VAL A 510 3.85 48.96 18.61
CA VAL A 510 3.95 48.14 19.82
C VAL A 510 3.38 48.89 21.01
N PHE A 511 3.80 50.16 21.17
CA PHE A 511 3.36 50.94 22.32
C PHE A 511 1.85 51.07 22.37
N ASN A 512 1.21 51.32 21.23
CA ASN A 512 -0.25 51.39 21.26
C ASN A 512 -0.85 50.06 21.66
N VAL A 513 -0.24 48.94 21.25
CA VAL A 513 -0.68 47.65 21.75
C VAL A 513 -0.61 47.62 23.27
N TRP A 514 0.53 48.06 23.83
CA TRP A 514 0.63 48.09 25.29
C TRP A 514 -0.36 49.07 25.91
N LEU A 515 -0.72 50.13 25.19
CA LEU A 515 -1.67 51.09 25.72
C LEU A 515 -3.05 50.45 25.81
N LYS A 516 -3.42 49.69 24.78
CA LYS A 516 -4.67 48.94 24.81
C LYS A 516 -4.70 47.98 25.99
N TYR A 517 -3.62 47.22 26.16
CA TYR A 517 -3.59 46.30 27.29
C TYR A 517 -3.73 47.04 28.60
N LEU A 518 -3.09 48.22 28.71
CA LEU A 518 -3.19 49.00 29.94
C LEU A 518 -4.64 49.35 30.24
N ASN A 519 -5.34 49.92 29.26
CA ASN A 519 -6.71 50.32 29.48
C ASN A 519 -7.58 49.13 29.86
N ALA A 520 -7.34 47.97 29.23
CA ALA A 520 -8.11 46.77 29.60
C ALA A 520 -7.81 46.33 31.02
N PHE A 521 -6.53 46.37 31.41
CA PHE A 521 -6.14 45.93 32.75
C PHE A 521 -6.67 46.86 33.82
N ASN A 522 -6.84 48.14 33.49
CA ASN A 522 -7.45 49.07 34.44
C ASN A 522 -8.96 48.94 34.46
N ASP A 523 -9.57 48.67 33.29
CA ASP A 523 -11.01 48.49 33.19
C ASP A 523 -11.51 47.34 34.06
N LYS A 524 -10.66 46.44 34.47
CA LYS A 524 -11.18 45.42 35.34
C LYS A 524 -10.61 45.99 36.58
N ALA A 525 -11.39 46.47 37.53
CA ALA A 525 -10.76 47.16 38.65
C ALA A 525 -10.09 46.30 39.71
N PRO A 526 -8.75 46.45 39.84
CA PRO A 526 -7.80 45.77 40.73
C PRO A 526 -7.56 46.57 42.01
N VAL A 527 -6.50 46.25 42.75
CA VAL A 527 -6.23 46.98 43.97
C VAL A 527 -6.00 48.42 43.66
N LYS A 528 -5.17 48.67 42.66
CA LYS A 528 -4.90 50.04 42.24
C LYS A 528 -4.78 50.13 40.72
N LYS A 529 -5.06 51.30 40.18
CA LYS A 529 -4.88 51.43 38.79
C LYS A 529 -3.41 51.30 38.40
N ALA A 530 -3.14 50.84 37.20
CA ALA A 530 -1.77 50.81 36.77
C ALA A 530 -1.72 52.10 36.02
N LEU A 531 -0.83 53.00 36.39
CA LEU A 531 -0.78 54.31 35.76
C LEU A 531 0.31 54.34 34.71
N ILE A 533 1.82 57.11 33.18
CA ILE A 533 2.88 58.09 33.43
C ILE A 533 3.90 57.54 34.42
N ASP A 534 3.45 56.70 35.35
CA ASP A 534 4.35 56.03 36.28
C ASP A 534 5.36 55.14 35.54
N THR A 535 4.89 54.35 34.58
CA THR A 535 5.80 53.46 33.86
C THR A 535 6.83 54.27 33.05
N LEU A 536 6.36 55.26 32.29
CA LEU A 536 7.25 56.17 31.58
C LEU A 536 8.29 56.79 32.52
N LYS A 537 7.82 57.50 33.56
CA LYS A 537 8.78 58.12 34.48
C LYS A 537 9.79 57.10 34.99
N SER A 538 9.33 55.90 35.40
CA SER A 538 10.23 54.84 35.85
C SER A 538 11.28 54.50 34.81
N ALA A 539 10.89 54.40 33.54
CA ALA A 539 11.84 53.90 32.56
C ALA A 539 12.81 54.99 32.13
N PHE A 540 12.34 56.22 31.99
CA PHE A 540 13.14 57.23 31.34
C PHE A 540 13.47 58.42 32.21
N GLY A 541 12.75 58.61 33.32
CA GLY A 541 13.00 59.74 34.19
C GLY A 541 12.24 61.00 33.78
N ASP A 542 12.10 61.91 34.76
CA ASP A 542 11.27 63.09 34.65
C ASP A 542 11.56 63.90 33.38
N VAL A 543 12.79 64.40 33.24
CA VAL A 543 13.03 65.34 32.14
C VAL A 543 12.86 64.67 30.79
N ALA A 544 13.43 63.46 30.63
CA ALA A 544 13.27 62.72 29.38
C ALA A 544 11.80 62.67 28.96
N VAL A 545 10.91 62.37 29.91
CA VAL A 545 9.51 62.23 29.60
C VAL A 545 8.89 63.58 29.29
N SER A 546 9.23 64.60 30.08
CA SER A 546 8.71 65.93 29.78
C SER A 546 9.10 66.37 28.38
N ASN A 547 10.38 66.24 28.04
CA ASN A 547 10.85 66.70 26.73
C ASN A 547 10.16 65.96 25.61
N LEU A 549 7.25 64.80 25.72
CA LEU A 549 5.87 65.25 25.62
C LEU A 549 5.75 66.61 24.94
N PHE A 550 6.66 67.53 25.26
CA PHE A 550 6.68 68.80 24.53
C PHE A 550 6.77 68.53 23.04
N ALA A 551 7.63 67.59 22.64
CA ALA A 551 7.79 67.32 21.22
C ALA A 551 6.52 66.73 20.63
N ALA A 552 5.88 65.83 21.35
CA ALA A 552 4.77 65.11 20.74
C ALA A 552 3.52 65.97 20.69
N LYS A 553 3.47 67.04 21.47
CA LYS A 553 2.30 67.91 21.40
C LYS A 553 2.36 68.79 20.17
N LYS A 554 3.54 69.31 19.81
CA LYS A 554 3.69 70.17 18.63
C LYS A 554 3.57 69.39 17.34
N ASP A 555 2.64 68.46 17.28
CA ASP A 555 2.75 67.39 16.30
C ASP A 555 1.42 66.66 16.19
N PRO A 556 0.61 66.96 15.16
CA PRO A 556 -0.72 66.33 15.08
C PRO A 556 -0.58 64.82 15.02
N GLY A 557 -1.64 64.15 15.44
CA GLY A 557 -1.67 62.71 15.42
C GLY A 557 -1.12 62.04 16.65
N THR A 558 -0.26 62.72 17.41
CA THR A 558 0.01 62.39 18.80
C THR A 558 -0.48 63.48 19.75
N ALA A 559 -1.05 64.57 19.23
CA ALA A 559 -1.38 65.75 20.04
C ALA A 559 -2.28 65.40 21.24
N LYS A 560 -3.33 64.61 21.02
CA LYS A 560 -4.29 64.40 22.10
C LYS A 560 -3.68 63.58 23.23
N VAL A 561 -3.19 62.37 22.93
CA VAL A 561 -2.61 61.51 23.94
C VAL A 561 -1.46 62.23 24.66
N ALA A 562 -0.66 63.00 23.92
CA ALA A 562 0.41 63.74 24.57
C ALA A 562 -0.16 64.79 25.52
N ALA A 563 -1.29 65.40 25.18
CA ALA A 563 -1.89 66.39 26.08
C ALA A 563 -2.37 65.74 27.38
N THR A 564 -3.01 64.57 27.28
CA THR A 564 -3.48 63.97 28.53
C THR A 564 -2.33 63.43 29.34
N LEU A 565 -1.25 62.98 28.68
CA LEU A 565 -0.10 62.49 29.44
C LEU A 565 0.69 63.63 30.07
N GLN A 566 0.69 64.80 29.44
CA GLN A 566 1.31 65.94 30.08
C GLN A 566 0.51 66.30 31.32
N THR A 567 -0.82 66.37 31.20
CA THR A 567 -1.66 66.63 32.36
C THR A 567 -1.34 65.65 33.48
N ALA A 568 -1.29 64.39 33.16
CA ALA A 568 -1.01 63.41 34.16
C ALA A 568 0.34 63.62 34.79
N LEU A 569 1.33 63.99 34.02
CA LEU A 569 2.66 64.18 34.57
C LEU A 569 2.67 65.26 35.60
N LEU A 570 1.99 66.35 35.34
CA LEU A 570 1.91 67.43 36.29
C LEU A 570 1.21 66.99 37.53
N SER A 571 0.13 66.25 37.36
CA SER A 571 -0.61 65.78 38.50
C SER A 571 0.22 64.89 39.39
N LYS A 572 1.04 64.05 38.79
CA LYS A 572 1.91 63.20 39.54
C LYS A 572 2.89 64.00 40.32
N TRP A 573 3.42 65.03 39.71
CA TRP A 573 4.37 65.90 40.33
C TRP A 573 3.74 66.64 41.48
N VAL A 574 2.52 67.11 41.30
CA VAL A 574 1.88 67.81 42.37
C VAL A 574 1.69 66.89 43.53
N LEU A 575 1.24 65.70 43.24
CA LEU A 575 0.98 64.69 44.26
C LEU A 575 2.24 64.32 45.01
N GLU A 576 3.33 64.04 44.30
CA GLU A 576 4.57 63.79 45.01
C GLU A 576 5.18 65.07 45.58
N LYS A 577 4.44 66.18 45.51
CA LYS A 577 4.82 67.46 46.10
C LYS A 577 6.19 67.89 45.58
N LYS A 578 6.26 68.09 44.27
CA LYS A 578 7.47 68.56 43.59
C LYS A 578 7.35 70.08 43.39
N THR A 579 8.33 70.84 43.92
CA THR A 579 8.07 72.26 44.04
C THR A 579 8.20 72.98 42.68
N PRO A 580 7.45 74.08 42.50
CA PRO A 580 7.63 74.93 41.31
C PRO A 580 9.08 75.26 40.95
N GLY A 581 9.99 75.32 41.91
CA GLY A 581 11.40 75.44 41.56
C GLY A 581 11.90 74.23 40.79
N GLN A 582 11.64 73.03 41.33
CA GLN A 582 12.12 71.81 40.69
C GLN A 582 11.43 71.56 39.35
N VAL A 583 10.12 71.80 39.29
CA VAL A 583 9.41 71.65 38.03
C VAL A 583 9.94 72.64 37.00
N SER A 584 10.07 73.92 37.39
CA SER A 584 10.68 74.90 36.51
C SER A 584 11.98 74.36 35.93
N ALA A 585 12.90 73.95 36.81
CA ALA A 585 14.18 73.40 36.39
C ALA A 585 14.03 72.31 35.33
N ILE A 586 13.06 71.39 35.52
CA ILE A 586 12.82 70.36 34.52
C ILE A 586 12.37 70.99 33.20
N LEU A 587 11.34 71.84 33.25
CA LEU A 587 10.72 72.33 32.03
C LEU A 587 11.68 73.14 31.18
N LYS A 588 12.59 73.90 31.80
CA LYS A 588 13.56 74.65 31.01
C LYS A 588 14.39 73.75 30.10
N GLU A 589 14.42 72.45 30.37
CA GLU A 589 15.20 71.48 29.62
C GLU A 589 14.52 70.99 28.36
N GLY A 590 13.38 71.54 27.95
CA GLY A 590 12.62 70.86 26.93
C GLY A 590 11.64 71.69 26.13
N ALA A 591 11.62 73.00 26.33
CA ALA A 591 10.75 73.85 25.52
C ALA A 591 11.33 75.25 25.47
N GLY A 592 10.71 76.08 24.62
CA GLY A 592 11.04 77.50 24.65
C GLY A 592 10.55 78.15 25.94
N ALA A 593 11.24 79.24 26.33
CA ALA A 593 10.92 79.94 27.56
C ALA A 593 9.48 80.44 27.57
N ASP A 594 8.94 80.77 26.43
CA ASP A 594 7.54 81.12 26.44
C ASP A 594 6.60 79.93 26.72
N VAL A 595 6.88 78.76 26.16
CA VAL A 595 6.05 77.60 26.48
C VAL A 595 6.31 77.12 27.90
N SER A 596 7.58 77.09 28.33
CA SER A 596 7.90 76.59 29.66
C SER A 596 7.32 77.50 30.75
N ALA A 597 7.42 78.81 30.59
CA ALA A 597 6.83 79.73 31.56
C ALA A 597 5.31 79.51 31.68
N LYS A 598 4.66 79.22 30.54
CA LYS A 598 3.21 79.02 30.54
C LYS A 598 2.83 77.73 31.26
N LEU A 599 3.49 76.62 30.93
CA LEU A 599 3.19 75.39 31.63
C LEU A 599 3.51 75.50 33.12
N LEU A 600 4.52 76.30 33.48
CA LEU A 600 4.80 76.54 34.89
C LEU A 600 3.63 77.27 35.55
N ALA A 601 3.09 78.29 34.87
CA ALA A 601 1.87 78.93 35.33
C ALA A 601 0.80 77.90 35.68
N THR A 602 0.44 77.07 34.69
CA THR A 602 -0.50 75.98 34.95
C THR A 602 -0.12 75.16 36.19
N TYR A 603 1.15 74.79 36.31
CA TYR A 603 1.55 73.86 37.37
C TYR A 603 1.41 74.48 38.75
N SER A 604 1.95 75.68 38.95
CA SER A 604 1.85 76.34 40.24
C SER A 604 0.40 76.66 40.60
N ALA A 605 -0.39 77.03 39.59
CA ALA A 605 -1.83 77.17 39.79
C ALA A 605 -2.42 75.91 40.39
N LYS A 606 -2.09 74.75 39.81
CA LYS A 606 -2.63 73.47 40.26
C LYS A 606 -1.88 72.92 41.48
N PHE A 607 -0.85 73.63 41.97
CA PHE A 607 -0.11 73.26 43.17
C PHE A 607 -0.54 74.06 44.40
N LYS A 608 -1.00 75.30 44.21
CA LYS A 608 -1.63 76.05 45.30
C LYS A 608 -3.04 75.53 45.57
N VAL A 609 -3.72 75.01 44.55
CA VAL A 609 -5.02 74.38 44.76
C VAL A 609 -4.91 73.12 45.64
N ARG A 610 -3.69 72.60 45.83
CA ARG A 610 -3.49 71.35 46.55
C ARG A 610 -2.70 71.51 47.85
N TRP A 611 -1.71 72.40 47.92
CA TRP A 611 -1.08 72.70 49.21
C TRP A 611 -0.94 74.22 49.47
N GLY A 612 -2.07 74.94 49.51
CA GLY A 612 -3.40 74.35 49.51
C GLY A 612 -4.52 75.29 49.85
#